data_8HQT
#
_entry.id   8HQT
#
_cell.length_a   74.892
_cell.length_b   51.051
_cell.length_c   85.101
_cell.angle_alpha   90.00
_cell.angle_beta   101.62
_cell.angle_gamma   90.00
#
_symmetry.space_group_name_H-M   'C 1 2 1'
#
loop_
_entity.id
_entity.type
_entity.pdbx_description
1 polymer "Coatomer subunit beta'"
2 polymer 'SARS-CoV-2 Spike KxHxx motif'
3 water water
#
loop_
_entity_poly.entity_id
_entity_poly.type
_entity_poly.pdbx_seq_one_letter_code
_entity_poly.pdbx_strand_id
1 'polypeptide(L)'
;MKLDIKKTFSNRSDRVKGIDFHPTEPWVLTTLYSGRVEIWNYETQVEVRSIQVTETPVRAGKFIARKNWIIVGSDDFRIR
VFNYNTGEKVVDFEAHPDYIRSIAVHPTKPYVLSGSDDLTVKLWNWENNWALEQTFEGHEHFVMCVAFNPKDPSTFASGC
LDRTVKVWSLGQSTPNFTLTTGQERGVNYVDYYPLPDKPYMITASDDLTIKIWDYQTKSCVATLEGHMSNVSFAVFHPTL
PIIISGSEDGTLKIWNSSTYKVEKTLNVGLERSWCIATHPTGRKNYIASGFDNGFTVLSLG
;
A
2 'polypeptide(L)' VKLHYT B
#
# COMPACT_ATOMS: atom_id res chain seq x y z
N LYS A 2 -8.69 19.62 -13.47
CA LYS A 2 -8.23 19.59 -14.88
C LYS A 2 -8.07 18.13 -15.34
N LEU A 3 -9.09 17.31 -15.16
CA LEU A 3 -9.01 15.86 -15.40
C LEU A 3 -8.90 15.53 -16.90
N ASP A 4 -7.72 15.03 -17.31
CA ASP A 4 -7.47 14.55 -18.70
C ASP A 4 -6.68 13.24 -18.50
N ILE A 5 -7.41 12.13 -18.27
CA ILE A 5 -6.77 10.83 -17.93
C ILE A 5 -6.11 10.22 -19.16
N LYS A 6 -4.80 10.34 -19.21
CA LYS A 6 -4.03 9.84 -20.36
C LYS A 6 -3.25 8.59 -19.96
N LYS A 7 -3.14 7.68 -20.92
CA LYS A 7 -2.58 6.35 -20.70
C LYS A 7 -1.07 6.40 -20.93
N THR A 8 -0.28 6.33 -19.86
CA THR A 8 1.17 6.50 -19.98
C THR A 8 1.87 5.20 -20.38
N PHE A 9 1.66 4.12 -19.63
CA PHE A 9 2.27 2.83 -19.94
C PHE A 9 1.53 1.70 -19.24
N SER A 10 1.08 0.72 -20.02
CA SER A 10 0.40 -0.47 -19.54
C SER A 10 1.12 -1.68 -20.08
N ASN A 11 1.38 -2.66 -19.23
CA ASN A 11 1.97 -3.93 -19.65
C ASN A 11 1.24 -5.08 -18.97
N ARG A 12 1.16 -6.20 -19.69
CA ARG A 12 0.60 -7.41 -19.11
C ARG A 12 1.68 -8.13 -18.29
N SER A 13 1.23 -8.81 -17.25
CA SER A 13 2.10 -9.62 -16.40
C SER A 13 1.22 -10.49 -15.51
N ASP A 14 1.86 -11.35 -14.72
CA ASP A 14 1.15 -12.04 -13.67
C ASP A 14 0.66 -11.02 -12.64
N ARG A 15 -0.24 -11.47 -11.76
CA ARG A 15 -0.98 -10.59 -10.85
C ARG A 15 -0.05 -9.69 -10.04
N VAL A 16 -0.30 -8.39 -10.10
CA VAL A 16 0.53 -7.38 -9.45
C VAL A 16 -0.08 -7.09 -8.08
N LYS A 17 0.64 -7.47 -7.03
CA LYS A 17 0.15 -7.30 -5.68
C LYS A 17 0.67 -6.04 -5.00
N GLY A 18 1.86 -5.58 -5.36
CA GLY A 18 2.41 -4.35 -4.80
C GLY A 18 2.96 -3.48 -5.91
N ILE A 19 3.00 -2.18 -5.65
CA ILE A 19 3.42 -1.22 -6.68
C ILE A 19 3.90 0.05 -6.01
N ASP A 20 4.90 0.71 -6.62
CA ASP A 20 5.49 1.89 -6.00
C ASP A 20 6.22 2.71 -7.07
N PHE A 21 6.24 4.02 -6.85
CA PHE A 21 6.92 4.98 -7.72
C PHE A 21 8.27 5.36 -7.14
N HIS A 22 9.29 5.43 -7.98
CA HIS A 22 10.54 6.07 -7.58
C HIS A 22 10.36 7.59 -7.58
N PRO A 23 10.91 8.29 -6.59
CA PRO A 23 10.61 9.74 -6.46
C PRO A 23 11.34 10.64 -7.43
N THR A 24 12.48 10.21 -8.01
CA THR A 24 13.23 11.04 -8.93
C THR A 24 13.51 10.41 -10.28
N GLU A 25 13.50 9.09 -10.39
CA GLU A 25 13.61 8.43 -11.68
C GLU A 25 12.22 8.03 -12.18
N PRO A 26 11.99 8.02 -13.50
CA PRO A 26 10.66 7.65 -14.02
C PRO A 26 10.44 6.14 -13.99
N TRP A 27 10.47 5.58 -12.79
CA TRP A 27 10.39 4.14 -12.59
C TRP A 27 9.16 3.75 -11.78
N VAL A 28 8.60 2.58 -12.10
CA VAL A 28 7.61 1.93 -11.26
C VAL A 28 8.11 0.54 -10.91
N LEU A 29 7.93 0.16 -9.65
CA LEU A 29 8.19 -1.19 -9.18
C LEU A 29 6.85 -1.91 -9.07
N THR A 30 6.78 -3.12 -9.61
CA THR A 30 5.67 -4.04 -9.39
C THR A 30 6.21 -5.27 -8.69
N THR A 31 5.40 -5.83 -7.78
CA THR A 31 5.74 -7.09 -7.13
C THR A 31 4.62 -8.07 -7.41
N LEU A 32 4.96 -9.25 -7.93
CA LEU A 32 3.98 -10.15 -8.53
C LEU A 32 3.66 -11.35 -7.65
N TYR A 33 2.44 -11.86 -7.81
CA TYR A 33 2.01 -13.08 -7.14
C TYR A 33 2.90 -14.27 -7.49
N SER A 34 3.64 -14.19 -8.59
CA SER A 34 4.50 -15.27 -9.07
C SER A 34 5.85 -15.30 -8.38
N GLY A 35 6.15 -14.33 -7.53
CA GLY A 35 7.44 -14.22 -6.91
C GLY A 35 8.44 -13.37 -7.66
N ARG A 36 8.04 -12.82 -8.82
CA ARG A 36 8.88 -11.93 -9.58
C ARG A 36 8.57 -10.48 -9.23
N VAL A 37 9.58 -9.62 -9.36
CA VAL A 37 9.39 -8.19 -9.24
C VAL A 37 10.03 -7.53 -10.45
N GLU A 38 9.43 -6.41 -10.87
CA GLU A 38 9.84 -5.70 -12.08
C GLU A 38 9.97 -4.22 -11.77
N ILE A 39 11.06 -3.61 -12.24
CA ILE A 39 11.23 -2.17 -12.22
C ILE A 39 11.19 -1.70 -13.66
N TRP A 40 10.17 -0.91 -14.01
CA TRP A 40 10.00 -0.40 -15.36
C TRP A 40 10.25 1.10 -15.41
N ASN A 41 11.01 1.53 -16.41
CA ASN A 41 11.02 2.93 -16.82
C ASN A 41 9.76 3.13 -17.66
N TYR A 42 8.78 3.85 -17.14
CA TYR A 42 7.50 3.97 -17.85
C TYR A 42 7.52 5.05 -18.92
N GLU A 43 8.59 5.85 -19.01
CA GLU A 43 8.68 6.81 -20.10
C GLU A 43 9.26 6.16 -21.36
N THR A 44 10.33 5.37 -21.20
CA THR A 44 10.91 4.63 -22.32
C THR A 44 10.29 3.25 -22.50
N GLN A 45 9.53 2.77 -21.51
CA GLN A 45 8.86 1.46 -21.56
C GLN A 45 9.87 0.33 -21.74
N VAL A 46 10.96 0.40 -20.97
CA VAL A 46 11.99 -0.62 -20.91
C VAL A 46 12.22 -0.98 -19.45
N GLU A 47 12.41 -2.27 -19.18
CA GLU A 47 12.66 -2.68 -17.80
C GLU A 47 14.07 -2.28 -17.36
N VAL A 48 14.17 -1.67 -16.20
CA VAL A 48 15.50 -1.34 -15.67
C VAL A 48 16.07 -2.50 -14.85
N ARG A 49 15.24 -3.30 -14.19
CA ARG A 49 15.73 -4.48 -13.42
C ARG A 49 14.53 -5.39 -13.16
N SER A 50 14.78 -6.69 -13.16
CA SER A 50 13.83 -7.78 -13.08
C SER A 50 14.42 -8.85 -12.18
N ILE A 51 13.67 -9.32 -11.18
CA ILE A 51 14.17 -10.32 -10.25
C ILE A 51 13.13 -11.39 -9.99
N GLN A 52 13.54 -12.66 -10.06
CA GLN A 52 12.75 -13.78 -9.57
C GLN A 52 13.16 -13.96 -8.12
N VAL A 53 12.41 -13.33 -7.22
CA VAL A 53 12.79 -13.22 -5.82
C VAL A 53 12.52 -14.52 -5.07
N THR A 54 11.39 -15.14 -5.36
CA THR A 54 10.93 -16.34 -4.66
C THR A 54 9.91 -17.00 -5.58
N GLU A 55 9.37 -18.13 -5.15
CA GLU A 55 8.28 -18.77 -5.88
C GLU A 55 6.92 -18.49 -5.25
N THR A 56 6.90 -17.79 -4.11
CA THR A 56 5.72 -17.36 -3.38
C THR A 56 5.33 -15.96 -3.78
N PRO A 57 4.06 -15.57 -3.59
CA PRO A 57 3.65 -14.20 -3.89
C PRO A 57 4.48 -13.18 -3.13
N VAL A 58 4.75 -12.06 -3.79
CA VAL A 58 5.40 -10.90 -3.18
C VAL A 58 4.33 -9.81 -3.07
N ARG A 59 3.70 -9.70 -1.90
CA ARG A 59 2.57 -8.79 -1.73
C ARG A 59 2.99 -7.34 -1.48
N ALA A 60 4.23 -7.10 -1.08
CA ALA A 60 4.62 -5.76 -0.66
C ALA A 60 5.98 -5.40 -1.26
N GLY A 61 6.10 -4.16 -1.70
CA GLY A 61 7.35 -3.67 -2.26
C GLY A 61 7.41 -2.16 -2.27
N LYS A 62 8.55 -1.61 -1.87
CA LYS A 62 8.74 -0.17 -1.81
C LYS A 62 10.16 0.16 -2.23
N PHE A 63 10.30 1.28 -2.94
CA PHE A 63 11.61 1.89 -3.09
C PHE A 63 12.07 2.49 -1.76
N ILE A 64 13.37 2.42 -1.54
CA ILE A 64 14.02 3.26 -0.53
C ILE A 64 15.06 4.07 -1.29
N ALA A 65 14.63 5.18 -1.88
CA ALA A 65 15.45 5.87 -2.88
C ALA A 65 16.77 6.34 -2.28
N ARG A 66 16.76 6.83 -1.04
CA ARG A 66 17.97 7.38 -0.45
C ARG A 66 19.03 6.34 -0.16
N LYS A 67 18.69 5.05 -0.27
CA LYS A 67 19.68 3.98 -0.16
C LYS A 67 19.83 3.21 -1.46
N ASN A 68 19.15 3.64 -2.53
CA ASN A 68 19.18 2.95 -3.83
C ASN A 68 18.70 1.50 -3.72
N TRP A 69 17.68 1.28 -2.87
CA TRP A 69 17.16 -0.05 -2.63
C TRP A 69 15.72 -0.20 -3.09
N ILE A 70 15.32 -1.46 -3.25
CA ILE A 70 13.93 -1.85 -3.11
C ILE A 70 13.86 -2.83 -1.95
N ILE A 71 12.74 -2.81 -1.23
CA ILE A 71 12.49 -3.75 -0.15
C ILE A 71 11.19 -4.46 -0.45
N VAL A 72 11.17 -5.77 -0.28
CA VAL A 72 10.01 -6.57 -0.64
C VAL A 72 9.72 -7.59 0.45
N GLY A 73 8.46 -7.99 0.55
CA GLY A 73 8.06 -9.04 1.49
C GLY A 73 7.12 -10.02 0.83
N SER A 74 7.33 -11.31 1.12
CA SER A 74 6.67 -12.39 0.39
C SER A 74 6.03 -13.37 1.36
N ASP A 75 5.19 -14.25 0.78
CA ASP A 75 4.46 -15.25 1.56
C ASP A 75 5.36 -16.33 2.14
N ASP A 76 6.61 -16.42 1.72
CA ASP A 76 7.59 -17.30 2.35
C ASP A 76 8.10 -16.75 3.68
N PHE A 77 7.52 -15.65 4.16
CA PHE A 77 7.73 -15.02 5.47
C PHE A 77 8.94 -14.09 5.48
N ARG A 78 9.55 -13.80 4.34
CA ARG A 78 10.84 -13.14 4.32
C ARG A 78 10.78 -11.71 3.80
N ILE A 79 11.59 -10.84 4.39
CA ILE A 79 11.89 -9.52 3.86
C ILE A 79 13.23 -9.59 3.15
N ARG A 80 13.27 -9.10 1.92
CA ARG A 80 14.51 -9.03 1.16
C ARG A 80 14.69 -7.61 0.65
N VAL A 81 15.95 -7.17 0.62
CA VAL A 81 16.31 -5.84 0.13
C VAL A 81 17.34 -6.01 -0.97
N PHE A 82 17.14 -5.34 -2.09
CA PHE A 82 18.05 -5.37 -3.23
C PHE A 82 18.47 -3.96 -3.60
N ASN A 83 19.76 -3.80 -3.89
CA ASN A 83 20.24 -2.57 -4.52
C ASN A 83 19.84 -2.61 -5.99
N TYR A 84 18.98 -1.66 -6.41
CA TYR A 84 18.51 -1.72 -7.79
C TYR A 84 19.55 -1.28 -8.80
N ASN A 85 20.66 -0.68 -8.37
CA ASN A 85 21.73 -0.30 -9.30
C ASN A 85 22.64 -1.49 -9.60
N THR A 86 23.10 -2.19 -8.56
CA THR A 86 23.97 -3.35 -8.74
C THR A 86 23.20 -4.66 -8.83
N GLY A 87 21.94 -4.67 -8.40
CA GLY A 87 21.12 -5.85 -8.47
C GLY A 87 21.30 -6.84 -7.33
N GLU A 88 22.22 -6.58 -6.41
CA GLU A 88 22.60 -7.58 -5.43
C GLU A 88 21.80 -7.45 -4.14
N LYS A 89 21.65 -8.58 -3.45
CA LYS A 89 20.72 -8.72 -2.34
C LYS A 89 21.42 -8.34 -1.05
N VAL A 90 21.05 -7.21 -0.49
CA VAL A 90 21.81 -6.70 0.64
C VAL A 90 21.34 -7.29 1.98
N VAL A 91 20.08 -7.73 2.07
CA VAL A 91 19.57 -8.40 3.27
C VAL A 91 18.48 -9.40 2.86
N ASP A 92 18.34 -10.46 3.67
CA ASP A 92 17.34 -11.51 3.44
C ASP A 92 17.08 -12.19 4.78
N PHE A 93 15.95 -11.89 5.42
CA PHE A 93 15.66 -12.45 6.74
C PHE A 93 14.18 -12.81 6.86
N GLU A 94 13.89 -13.78 7.73
CA GLU A 94 12.51 -14.10 8.05
C GLU A 94 11.96 -13.07 9.03
N ALA A 95 10.91 -12.36 8.61
CA ALA A 95 10.36 -11.25 9.39
C ALA A 95 9.20 -11.67 10.29
N HIS A 96 8.33 -12.54 9.81
CA HIS A 96 7.18 -13.01 10.56
C HIS A 96 7.04 -14.50 10.32
N PRO A 97 6.31 -15.21 11.18
CA PRO A 97 6.03 -16.63 10.90
C PRO A 97 4.79 -16.81 10.04
N ASP A 98 4.44 -15.78 9.26
CA ASP A 98 3.24 -15.83 8.42
C ASP A 98 3.40 -14.81 7.30
N TYR A 99 2.39 -14.73 6.44
CA TYR A 99 2.43 -13.85 5.27
C TYR A 99 2.73 -12.41 5.67
N ILE A 100 3.45 -11.71 4.80
CA ILE A 100 3.67 -10.27 4.91
C ILE A 100 2.71 -9.58 3.96
N ARG A 101 1.87 -8.69 4.49
CA ARG A 101 0.86 -8.00 3.68
C ARG A 101 1.30 -6.61 3.22
N SER A 102 2.16 -5.94 3.98
CA SER A 102 2.33 -4.51 3.75
C SER A 102 3.66 -4.08 4.33
N ILE A 103 4.30 -3.13 3.66
CA ILE A 103 5.57 -2.56 4.09
C ILE A 103 5.48 -1.04 3.96
N ALA A 104 5.91 -0.32 4.98
CA ALA A 104 5.97 1.13 4.94
C ALA A 104 7.37 1.59 5.33
N VAL A 105 7.82 2.66 4.70
CA VAL A 105 9.15 3.21 4.92
C VAL A 105 9.01 4.61 5.52
N HIS A 106 9.67 4.83 6.66
CA HIS A 106 9.66 6.14 7.30
C HIS A 106 10.27 7.18 6.36
N PRO A 107 9.72 8.40 6.32
CA PRO A 107 10.20 9.37 5.31
C PRO A 107 11.58 9.94 5.59
N THR A 108 12.08 9.87 6.82
CA THR A 108 13.42 10.39 7.10
C THR A 108 14.29 9.44 7.91
N LYS A 109 13.72 8.72 8.83
CA LYS A 109 14.40 7.82 9.74
C LYS A 109 14.52 6.43 9.14
N PRO A 110 15.54 5.62 9.56
CA PRO A 110 15.85 4.35 8.89
C PRO A 110 14.93 3.20 9.31
N TYR A 111 13.63 3.47 9.30
CA TYR A 111 12.65 2.55 9.86
C TYR A 111 11.79 1.94 8.76
N VAL A 112 11.53 0.64 8.88
CA VAL A 112 10.62 -0.06 7.99
C VAL A 112 9.60 -0.78 8.86
N LEU A 113 8.32 -0.61 8.52
CA LEU A 113 7.24 -1.33 9.17
C LEU A 113 6.77 -2.45 8.25
N SER A 114 6.49 -3.61 8.84
CA SER A 114 5.87 -4.71 8.12
C SER A 114 4.64 -5.16 8.88
N GLY A 115 3.53 -5.34 8.18
CA GLY A 115 2.30 -5.86 8.77
C GLY A 115 2.05 -7.25 8.24
N SER A 116 1.59 -8.15 9.11
CA SER A 116 1.61 -9.58 8.79
C SER A 116 0.36 -10.28 9.28
N ASP A 117 0.11 -11.44 8.69
CA ASP A 117 -0.95 -12.34 9.14
C ASP A 117 -0.71 -12.89 10.54
N ASP A 118 0.49 -12.71 11.09
CA ASP A 118 0.79 -13.14 12.45
C ASP A 118 0.20 -12.20 13.49
N LEU A 119 -0.66 -11.26 13.08
CA LEU A 119 -1.42 -10.32 13.91
C LEU A 119 -0.59 -9.13 14.38
N THR A 120 0.60 -8.91 13.86
CA THR A 120 1.50 -7.89 14.40
C THR A 120 1.99 -6.95 13.31
N VAL A 121 2.53 -5.83 13.77
CA VAL A 121 3.37 -4.94 12.98
C VAL A 121 4.76 -4.99 13.61
N LYS A 122 5.80 -5.05 12.79
CA LYS A 122 7.16 -5.06 13.29
C LYS A 122 7.94 -3.88 12.71
N LEU A 123 8.84 -3.35 13.53
CA LEU A 123 9.67 -2.20 13.18
C LEU A 123 11.11 -2.67 13.04
N TRP A 124 11.70 -2.41 11.88
CA TRP A 124 13.06 -2.81 11.55
C TRP A 124 13.91 -1.57 11.29
N ASN A 125 15.13 -1.58 11.81
CA ASN A 125 16.02 -0.42 11.71
C ASN A 125 17.24 -0.84 10.89
N TRP A 126 17.35 -0.28 9.67
CA TRP A 126 18.42 -0.75 8.80
C TRP A 126 19.78 -0.18 9.14
N GLU A 127 19.88 0.82 10.02
CA GLU A 127 21.18 1.24 10.50
C GLU A 127 21.57 0.54 11.79
N ASN A 128 20.69 -0.30 12.35
CA ASN A 128 21.04 -1.22 13.42
C ASN A 128 20.98 -2.66 12.93
N ASN A 129 21.56 -2.90 11.74
CA ASN A 129 21.75 -4.25 11.23
C ASN A 129 20.41 -4.95 10.95
N TRP A 130 19.39 -4.18 10.58
CA TRP A 130 18.05 -4.68 10.32
C TRP A 130 17.44 -5.37 11.55
N ALA A 131 17.78 -4.87 12.72
CA ALA A 131 17.29 -5.47 13.95
C ALA A 131 15.80 -5.19 14.13
N LEU A 132 15.11 -6.15 14.73
CA LEU A 132 13.74 -5.94 15.18
C LEU A 132 13.76 -5.05 16.41
N GLU A 133 13.30 -3.81 16.26
CA GLU A 133 13.30 -2.87 17.38
C GLU A 133 11.99 -2.85 18.14
N GLN A 134 10.87 -3.26 17.52
CA GLN A 134 9.61 -3.27 18.24
C GLN A 134 8.60 -4.13 17.51
N THR A 135 7.78 -4.83 18.28
CA THR A 135 6.60 -5.52 17.77
C THR A 135 5.36 -4.88 18.38
N PHE A 136 4.41 -4.50 17.53
CA PHE A 136 3.18 -3.85 17.96
C PHE A 136 2.08 -4.91 17.99
N GLU A 137 1.62 -5.25 19.18
CA GLU A 137 0.63 -6.30 19.40
C GLU A 137 -0.69 -5.70 19.87
N GLY A 138 -1.78 -6.35 19.47
CA GLY A 138 -3.10 -5.84 19.79
C GLY A 138 -4.16 -6.22 18.79
N HIS A 139 -3.80 -6.31 17.51
CA HIS A 139 -4.76 -6.69 16.50
C HIS A 139 -5.16 -8.15 16.66
N GLU A 140 -6.34 -8.48 16.15
CA GLU A 140 -6.94 -9.80 16.33
C GLU A 140 -7.04 -10.61 15.04
N HIS A 141 -6.60 -10.07 13.90
CA HIS A 141 -6.61 -10.78 12.63
C HIS A 141 -5.47 -10.22 11.78
N PHE A 142 -5.45 -10.59 10.49
CA PHE A 142 -4.36 -10.18 9.60
C PHE A 142 -4.23 -8.67 9.56
N VAL A 143 -3.00 -8.18 9.71
CA VAL A 143 -2.72 -6.77 9.50
C VAL A 143 -2.47 -6.56 8.01
N MET A 144 -3.40 -5.90 7.33
CA MET A 144 -3.40 -5.82 5.87
C MET A 144 -2.64 -4.62 5.33
N CYS A 145 -2.44 -3.57 6.14
CA CYS A 145 -1.89 -2.33 5.61
C CYS A 145 -1.26 -1.54 6.75
N VAL A 146 -0.12 -0.93 6.48
CA VAL A 146 0.57 -0.07 7.43
C VAL A 146 0.97 1.20 6.70
N ALA A 147 0.87 2.34 7.37
CA ALA A 147 1.22 3.61 6.74
C ALA A 147 1.62 4.61 7.81
N PHE A 148 2.74 5.29 7.58
CA PHE A 148 3.13 6.37 8.48
C PHE A 148 2.24 7.58 8.28
N ASN A 149 2.02 8.33 9.35
CA ASN A 149 1.40 9.64 9.20
C ASN A 149 2.44 10.57 8.59
N PRO A 150 2.26 11.04 7.35
CA PRO A 150 3.30 11.88 6.75
C PRO A 150 3.54 13.17 7.51
N LYS A 151 2.54 13.67 8.24
CA LYS A 151 2.65 14.90 9.00
C LYS A 151 3.19 14.71 10.40
N ASP A 152 3.29 13.48 10.87
CA ASP A 152 3.91 13.12 12.13
C ASP A 152 4.30 11.65 12.04
N PRO A 153 5.43 11.35 11.41
CA PRO A 153 5.81 9.94 11.21
C PRO A 153 6.36 9.28 12.45
N SER A 154 6.26 9.94 13.61
CA SER A 154 6.41 9.22 14.86
C SER A 154 5.18 8.36 15.15
N THR A 155 4.11 8.52 14.39
CA THR A 155 2.93 7.69 14.49
C THR A 155 2.65 7.02 13.14
N PHE A 156 1.88 5.94 13.19
CA PHE A 156 1.51 5.22 11.99
C PHE A 156 0.19 4.51 12.29
N ALA A 157 -0.50 4.13 11.22
CA ALA A 157 -1.77 3.41 11.31
C ALA A 157 -1.61 2.01 10.75
N SER A 158 -2.35 1.07 11.34
CA SER A 158 -2.43 -0.29 10.84
C SER A 158 -3.89 -0.61 10.56
N GLY A 159 -4.16 -1.16 9.37
CA GLY A 159 -5.49 -1.61 8.99
C GLY A 159 -5.57 -3.12 9.02
N CYS A 160 -6.66 -3.65 9.59
CA CYS A 160 -6.67 -5.04 9.99
C CYS A 160 -8.01 -5.68 9.66
N LEU A 161 -7.95 -6.98 9.35
CA LEU A 161 -9.19 -7.74 9.12
C LEU A 161 -10.01 -7.90 10.39
N ASP A 162 -9.49 -7.50 11.55
CA ASP A 162 -10.33 -7.50 12.76
C ASP A 162 -11.29 -6.33 12.81
N ARG A 163 -11.41 -5.59 11.70
CA ARG A 163 -12.35 -4.49 11.49
C ARG A 163 -11.90 -3.19 12.15
N THR A 164 -10.64 -3.05 12.53
CA THR A 164 -10.19 -1.84 13.21
C THR A 164 -8.99 -1.24 12.49
N VAL A 165 -8.82 0.05 12.71
CA VAL A 165 -7.56 0.75 12.49
C VAL A 165 -6.99 1.06 13.87
N LYS A 166 -5.70 0.83 14.04
CA LYS A 166 -5.00 1.23 15.24
C LYS A 166 -3.88 2.20 14.88
N VAL A 167 -3.79 3.30 15.62
CA VAL A 167 -2.76 4.30 15.42
C VAL A 167 -1.81 4.20 16.61
N TRP A 168 -0.52 4.05 16.32
CA TRP A 168 0.52 3.79 17.30
C TRP A 168 1.55 4.90 17.30
N SER A 169 2.23 5.08 18.43
CA SER A 169 3.44 5.89 18.52
C SER A 169 4.64 4.97 18.58
N LEU A 170 5.66 5.27 17.78
CA LEU A 170 6.91 4.52 17.87
C LEU A 170 7.44 4.60 19.30
N GLY A 171 7.95 3.48 19.78
CA GLY A 171 8.45 3.38 21.15
C GLY A 171 7.39 3.20 22.21
N GLN A 172 6.12 3.04 21.84
CA GLN A 172 5.01 2.92 22.77
C GLN A 172 4.24 1.65 22.47
N SER A 173 3.85 0.92 23.53
CA SER A 173 3.45 -0.48 23.38
C SER A 173 1.97 -0.66 23.04
N THR A 174 1.13 0.35 23.25
CA THR A 174 -0.29 0.20 22.99
C THR A 174 -0.74 1.29 22.03
N PRO A 175 -1.83 1.08 21.30
CA PRO A 175 -2.31 2.10 20.35
C PRO A 175 -2.63 3.41 21.07
N ASN A 176 -2.33 4.52 20.40
CA ASN A 176 -2.86 5.80 20.84
C ASN A 176 -4.39 5.77 20.82
N PHE A 177 -4.97 5.11 19.82
CA PHE A 177 -6.41 4.87 19.81
C PHE A 177 -6.69 3.75 18.83
N THR A 178 -7.83 3.09 19.03
CA THR A 178 -8.32 2.08 18.11
C THR A 178 -9.60 2.59 17.48
N LEU A 179 -9.64 2.57 16.14
CA LEU A 179 -10.76 3.08 15.38
C LEU A 179 -11.68 1.91 15.02
N THR A 180 -12.89 1.90 15.59
CA THR A 180 -13.89 0.90 15.24
C THR A 180 -14.59 1.37 13.97
N THR A 181 -14.30 0.72 12.84
CA THR A 181 -14.74 1.22 11.56
C THR A 181 -16.21 0.93 11.25
N GLY A 182 -16.78 -0.11 11.86
CA GLY A 182 -18.05 -0.57 11.35
C GLY A 182 -17.97 -1.17 9.97
N GLN A 183 -16.75 -1.44 9.49
CA GLN A 183 -16.53 -2.19 8.26
C GLN A 183 -16.35 -3.64 8.69
N GLU A 184 -17.47 -4.37 8.78
CA GLU A 184 -17.51 -5.63 9.53
C GLU A 184 -16.78 -6.77 8.83
N ARG A 185 -16.47 -6.62 7.56
CA ARG A 185 -15.67 -7.62 6.87
C ARG A 185 -14.18 -7.28 6.87
N GLY A 186 -13.78 -6.25 7.62
CA GLY A 186 -12.39 -5.96 7.85
C GLY A 186 -11.93 -4.69 7.14
N VAL A 187 -10.69 -4.32 7.41
CA VAL A 187 -10.03 -3.20 6.75
C VAL A 187 -8.87 -3.77 5.95
N ASN A 188 -8.90 -3.56 4.62
CA ASN A 188 -7.82 -3.99 3.75
C ASN A 188 -6.74 -2.93 3.58
N TYR A 189 -7.08 -1.66 3.79
CA TYR A 189 -6.18 -0.57 3.44
C TYR A 189 -6.48 0.62 4.33
N VAL A 190 -5.42 1.40 4.62
CA VAL A 190 -5.57 2.66 5.34
C VAL A 190 -4.54 3.63 4.78
N ASP A 191 -4.94 4.89 4.62
CA ASP A 191 -4.10 5.92 4.03
C ASP A 191 -4.35 7.23 4.77
N TYR A 192 -3.37 8.10 4.75
CA TYR A 192 -3.48 9.42 5.35
C TYR A 192 -3.66 10.50 4.28
N TYR A 193 -4.56 11.43 4.54
CA TYR A 193 -4.55 12.68 3.78
C TYR A 193 -3.25 13.42 4.08
N PRO A 194 -2.49 13.83 3.06
CA PRO A 194 -1.12 14.32 3.29
C PRO A 194 -0.98 15.79 3.66
N LEU A 195 -2.01 16.61 3.50
CA LEU A 195 -1.86 18.04 3.69
C LEU A 195 -2.36 18.47 5.07
N PRO A 196 -1.88 19.62 5.58
CA PRO A 196 -2.14 19.98 6.98
C PRO A 196 -3.56 20.45 7.27
N ASP A 197 -4.41 20.65 6.26
CA ASP A 197 -5.70 21.30 6.52
C ASP A 197 -6.79 20.35 7.00
N LYS A 198 -6.57 19.03 6.92
CA LYS A 198 -7.56 18.05 7.35
C LYS A 198 -6.86 16.89 8.03
N PRO A 199 -7.27 16.49 9.23
CA PRO A 199 -6.68 15.33 9.93
C PRO A 199 -7.39 14.05 9.52
N TYR A 200 -7.23 13.66 8.26
CA TYR A 200 -8.07 12.63 7.65
C TYR A 200 -7.30 11.35 7.40
N MET A 201 -7.99 10.23 7.64
CA MET A 201 -7.55 8.90 7.22
C MET A 201 -8.68 8.29 6.40
N ILE A 202 -8.34 7.26 5.62
CA ILE A 202 -9.31 6.64 4.72
C ILE A 202 -9.11 5.13 4.77
N THR A 203 -10.23 4.38 4.81
CA THR A 203 -10.18 2.93 4.92
C THR A 203 -10.99 2.28 3.82
N ALA A 204 -10.53 1.11 3.37
CA ALA A 204 -11.19 0.31 2.35
C ALA A 204 -11.46 -1.09 2.89
N SER A 205 -12.57 -1.69 2.45
CA SER A 205 -13.05 -2.90 3.09
C SER A 205 -13.65 -3.87 2.08
N ASP A 206 -13.67 -5.15 2.45
CA ASP A 206 -14.42 -6.16 1.71
C ASP A 206 -15.92 -5.93 1.77
N ASP A 207 -16.41 -5.07 2.68
CA ASP A 207 -17.85 -4.82 2.78
C ASP A 207 -18.34 -3.83 1.74
N LEU A 208 -17.49 -3.46 0.77
CA LEU A 208 -17.74 -2.63 -0.41
C LEU A 208 -17.64 -1.13 -0.11
N THR A 209 -17.29 -0.72 1.10
CA THR A 209 -17.28 0.71 1.42
C THR A 209 -15.86 1.24 1.53
N ILE A 210 -15.77 2.55 1.30
CA ILE A 210 -14.62 3.38 1.64
C ILE A 210 -15.09 4.40 2.66
N LYS A 211 -14.33 4.60 3.74
CA LYS A 211 -14.75 5.52 4.79
C LYS A 211 -13.65 6.54 5.08
N ILE A 212 -14.06 7.78 5.32
CA ILE A 212 -13.17 8.88 5.69
C ILE A 212 -13.28 9.12 7.18
N TRP A 213 -12.16 9.35 7.84
CA TRP A 213 -12.09 9.46 9.28
C TRP A 213 -11.36 10.74 9.67
N ASP A 214 -11.91 11.46 10.64
CA ASP A 214 -11.18 12.49 11.37
C ASP A 214 -10.43 11.80 12.50
N TYR A 215 -9.10 11.76 12.43
CA TYR A 215 -8.37 10.98 13.43
C TYR A 215 -8.18 11.74 14.73
N GLN A 216 -8.69 12.97 14.82
CA GLN A 216 -8.68 13.64 16.11
C GLN A 216 -9.94 13.33 16.90
N THR A 217 -11.11 13.37 16.25
CA THR A 217 -12.36 13.05 16.92
C THR A 217 -12.77 11.59 16.78
N LYS A 218 -12.17 10.85 15.84
CA LYS A 218 -12.50 9.46 15.52
C LYS A 218 -13.84 9.32 14.80
N SER A 219 -14.39 10.41 14.27
CA SER A 219 -15.69 10.37 13.62
C SER A 219 -15.56 10.01 12.15
N CYS A 220 -16.56 9.31 11.64
CA CYS A 220 -16.63 9.04 10.21
C CYS A 220 -17.15 10.28 9.49
N VAL A 221 -16.34 10.82 8.59
CA VAL A 221 -16.72 12.03 7.85
C VAL A 221 -17.64 11.66 6.69
N ALA A 222 -17.33 10.57 6.01
CA ALA A 222 -18.01 10.23 4.76
C ALA A 222 -17.88 8.74 4.54
N THR A 223 -18.86 8.20 3.82
CA THR A 223 -18.81 6.81 3.38
C THR A 223 -19.01 6.80 1.86
N LEU A 224 -18.10 6.16 1.16
CA LEU A 224 -18.07 6.15 -0.30
C LEU A 224 -18.50 4.77 -0.78
N GLU A 225 -19.64 4.70 -1.47
CA GLU A 225 -20.19 3.45 -1.94
C GLU A 225 -20.31 3.46 -3.46
N GLY A 226 -20.19 2.27 -4.05
CA GLY A 226 -20.23 2.15 -5.49
C GLY A 226 -19.46 0.96 -6.01
N HIS A 227 -18.40 0.57 -5.31
CA HIS A 227 -17.66 -0.64 -5.71
C HIS A 227 -18.52 -1.87 -5.49
N MET A 228 -18.42 -2.82 -6.42
CA MET A 228 -19.29 -3.99 -6.42
C MET A 228 -18.61 -5.24 -5.92
N SER A 229 -17.34 -5.15 -5.52
CA SER A 229 -16.64 -6.25 -4.87
C SER A 229 -15.61 -5.63 -3.93
N ASN A 230 -14.82 -6.50 -3.29
CA ASN A 230 -13.82 -6.07 -2.31
C ASN A 230 -13.05 -4.84 -2.77
N VAL A 231 -12.96 -3.84 -1.91
CA VAL A 231 -12.17 -2.65 -2.19
C VAL A 231 -10.75 -2.94 -1.69
N SER A 232 -9.80 -3.02 -2.63
CA SER A 232 -8.43 -3.36 -2.25
C SER A 232 -7.70 -2.17 -1.65
N PHE A 233 -8.02 -0.94 -2.07
CA PHE A 233 -7.31 0.23 -1.60
C PHE A 233 -8.15 1.48 -1.83
N ALA A 234 -7.81 2.54 -1.08
CA ALA A 234 -8.33 3.88 -1.33
C ALA A 234 -7.33 4.86 -0.76
N VAL A 235 -6.96 5.87 -1.56
CA VAL A 235 -5.93 6.82 -1.15
C VAL A 235 -6.34 8.24 -1.52
N PHE A 236 -5.80 9.20 -0.77
CA PHE A 236 -5.86 10.60 -1.17
C PHE A 236 -4.75 10.88 -2.17
N HIS A 237 -5.08 11.54 -3.28
CA HIS A 237 -4.00 11.94 -4.17
C HIS A 237 -3.21 13.05 -3.50
N PRO A 238 -1.87 13.04 -3.59
CA PRO A 238 -1.08 14.00 -2.81
C PRO A 238 -1.22 15.44 -3.26
N THR A 239 -1.62 15.70 -4.51
CA THR A 239 -1.65 17.06 -5.03
C THR A 239 -3.00 17.47 -5.61
N LEU A 240 -3.88 16.52 -5.96
CA LEU A 240 -5.19 16.76 -6.55
C LEU A 240 -6.30 16.52 -5.53
N PRO A 241 -7.41 17.29 -5.59
CA PRO A 241 -8.51 17.12 -4.63
C PRO A 241 -9.38 15.91 -4.96
N ILE A 242 -8.76 14.74 -5.03
CA ILE A 242 -9.46 13.52 -5.40
C ILE A 242 -9.04 12.37 -4.49
N ILE A 243 -9.92 11.37 -4.43
CA ILE A 243 -9.63 10.08 -3.83
C ILE A 243 -9.61 9.06 -4.95
N ILE A 244 -8.68 8.10 -4.87
CA ILE A 244 -8.54 7.06 -5.88
C ILE A 244 -8.68 5.70 -5.20
N SER A 245 -9.58 4.87 -5.71
CA SER A 245 -9.84 3.56 -5.16
C SER A 245 -9.79 2.51 -6.25
N GLY A 246 -9.58 1.26 -5.84
CA GLY A 246 -9.55 0.14 -6.76
C GLY A 246 -10.13 -1.08 -6.09
N SER A 247 -10.67 -1.98 -6.91
CA SER A 247 -11.54 -3.02 -6.40
C SER A 247 -11.38 -4.31 -7.19
N GLU A 248 -11.80 -5.41 -6.56
CA GLU A 248 -11.88 -6.70 -7.24
C GLU A 248 -13.02 -6.74 -8.25
N ASP A 249 -13.84 -5.68 -8.34
CA ASP A 249 -14.80 -5.59 -9.43
C ASP A 249 -14.15 -5.16 -10.73
N GLY A 250 -12.84 -4.90 -10.72
CA GLY A 250 -12.11 -4.57 -11.93
C GLY A 250 -11.98 -3.10 -12.23
N THR A 251 -12.43 -2.21 -11.35
CA THR A 251 -12.47 -0.80 -11.67
C THR A 251 -11.55 0.00 -10.78
N LEU A 252 -11.03 1.09 -11.34
CA LEU A 252 -10.57 2.22 -10.54
C LEU A 252 -11.71 3.23 -10.45
N LYS A 253 -11.80 3.90 -9.31
CA LYS A 253 -12.77 4.97 -9.15
C LYS A 253 -12.06 6.21 -8.63
N ILE A 254 -12.40 7.35 -9.22
CA ILE A 254 -11.88 8.65 -8.78
C ILE A 254 -13.06 9.42 -8.19
N TRP A 255 -12.93 9.81 -6.93
CA TRP A 255 -13.98 10.51 -6.21
C TRP A 255 -13.53 11.92 -5.91
N ASN A 256 -14.49 12.85 -5.92
CA ASN A 256 -14.23 14.21 -5.47
C ASN A 256 -13.97 14.21 -3.97
N SER A 257 -12.86 14.82 -3.55
CA SER A 257 -12.50 14.78 -2.14
C SER A 257 -13.22 15.83 -1.31
N SER A 258 -13.97 16.74 -1.93
CA SER A 258 -14.80 17.70 -1.21
C SER A 258 -16.22 17.20 -1.05
N THR A 259 -16.82 16.74 -2.16
CA THR A 259 -18.21 16.30 -2.18
C THR A 259 -18.36 14.80 -1.95
N TYR A 260 -17.27 14.04 -2.11
CA TYR A 260 -17.24 12.60 -1.89
C TYR A 260 -18.10 11.84 -2.89
N LYS A 261 -18.32 12.41 -4.06
CA LYS A 261 -19.08 11.79 -5.12
C LYS A 261 -18.14 11.31 -6.23
N VAL A 262 -18.50 10.18 -6.84
CA VAL A 262 -17.65 9.59 -7.86
C VAL A 262 -17.59 10.50 -9.07
N GLU A 263 -16.37 10.80 -9.53
CA GLU A 263 -16.21 11.59 -10.75
C GLU A 263 -16.02 10.71 -11.96
N LYS A 264 -15.29 9.61 -11.82
CA LYS A 264 -14.94 8.78 -12.97
C LYS A 264 -14.75 7.33 -12.53
N THR A 265 -15.25 6.41 -13.34
CA THR A 265 -15.01 4.98 -13.18
C THR A 265 -14.27 4.46 -14.40
N LEU A 266 -13.15 3.79 -14.16
CA LEU A 266 -12.32 3.26 -15.23
C LEU A 266 -12.19 1.75 -15.07
N ASN A 267 -12.55 1.00 -16.11
CA ASN A 267 -12.18 -0.41 -16.20
C ASN A 267 -11.06 -0.50 -17.21
N VAL A 268 -9.82 -0.61 -16.72
CA VAL A 268 -8.66 -0.63 -17.60
C VAL A 268 -8.44 -1.99 -18.25
N GLY A 269 -9.35 -2.94 -18.03
CA GLY A 269 -9.30 -4.20 -18.75
C GLY A 269 -8.25 -5.18 -18.29
N LEU A 270 -7.84 -5.12 -17.02
CA LEU A 270 -6.85 -6.03 -16.48
C LEU A 270 -7.41 -6.89 -15.35
N GLU A 271 -8.73 -6.98 -15.24
CA GLU A 271 -9.45 -7.77 -14.24
C GLU A 271 -9.25 -7.11 -12.87
N ARG A 272 -9.13 -7.87 -11.79
CA ARG A 272 -9.25 -7.30 -10.45
C ARG A 272 -8.05 -6.40 -10.11
N SER A 273 -8.34 -5.32 -9.38
CA SER A 273 -7.33 -4.35 -8.96
C SER A 273 -6.91 -4.62 -7.52
N TRP A 274 -5.60 -4.53 -7.25
CA TRP A 274 -5.04 -4.94 -5.98
C TRP A 274 -4.22 -3.86 -5.27
N CYS A 275 -3.64 -2.91 -6.00
CA CYS A 275 -2.67 -2.02 -5.37
C CYS A 275 -2.59 -0.72 -6.16
N ILE A 276 -2.03 0.30 -5.51
CA ILE A 276 -2.05 1.67 -6.01
C ILE A 276 -0.74 2.35 -5.62
N ALA A 277 -0.31 3.29 -6.46
CA ALA A 277 0.79 4.18 -6.12
C ALA A 277 0.51 5.53 -6.76
N THR A 278 0.92 6.59 -6.07
CA THR A 278 0.86 7.94 -6.61
C THR A 278 2.26 8.54 -6.57
N HIS A 279 2.58 9.33 -7.58
CA HIS A 279 3.95 9.88 -7.62
C HIS A 279 4.12 10.89 -6.51
N ASN A 285 1.06 14.26 -12.40
CA ASN A 285 -0.06 13.64 -11.70
C ASN A 285 -0.13 12.13 -12.00
N TYR A 286 1.05 11.50 -12.05
CA TYR A 286 1.12 10.08 -12.30
C TYR A 286 0.47 9.28 -11.16
N ILE A 287 -0.26 8.24 -11.53
CA ILE A 287 -0.70 7.19 -10.61
C ILE A 287 -0.45 5.85 -11.30
N ALA A 288 -0.39 4.79 -10.51
CA ALA A 288 -0.21 3.46 -11.06
C ALA A 288 -0.96 2.44 -10.22
N SER A 289 -1.57 1.47 -10.88
CA SER A 289 -2.31 0.42 -10.20
C SER A 289 -1.93 -0.94 -10.78
N GLY A 290 -1.88 -1.95 -9.90
CA GLY A 290 -1.55 -3.31 -10.30
C GLY A 290 -2.80 -4.17 -10.25
N PHE A 291 -2.93 -5.08 -11.20
CA PHE A 291 -4.14 -5.88 -11.42
C PHE A 291 -3.79 -7.35 -11.61
N ASP A 292 -4.84 -8.17 -11.78
CA ASP A 292 -4.65 -9.58 -12.08
C ASP A 292 -3.73 -9.79 -13.28
N ASN A 293 -3.90 -8.98 -14.33
CA ASN A 293 -3.25 -9.27 -15.60
C ASN A 293 -2.20 -8.23 -15.97
N GLY A 294 -1.80 -7.36 -15.06
CA GLY A 294 -0.74 -6.42 -15.35
C GLY A 294 -0.92 -5.15 -14.55
N PHE A 295 -0.28 -4.08 -15.04
CA PHE A 295 -0.31 -2.79 -14.38
C PHE A 295 -0.59 -1.69 -15.39
N THR A 296 -0.95 -0.52 -14.90
CA THR A 296 -1.09 0.64 -15.77
C THR A 296 -0.55 1.85 -15.05
N VAL A 297 0.18 2.69 -15.79
CA VAL A 297 0.64 4.00 -15.33
C VAL A 297 -0.19 5.04 -16.05
N LEU A 298 -0.86 5.90 -15.28
CA LEU A 298 -1.77 6.90 -15.83
C LEU A 298 -1.31 8.29 -15.45
N SER A 299 -1.53 9.24 -16.36
CA SER A 299 -1.37 10.66 -16.09
C SER A 299 -2.75 11.29 -16.00
N LEU A 300 -3.05 11.91 -14.87
CA LEU A 300 -4.30 12.64 -14.74
C LEU A 300 -4.20 14.07 -15.26
N GLY A 301 -2.99 14.61 -15.36
CA GLY A 301 -2.76 15.95 -15.86
C GLY A 301 -1.34 16.40 -15.60
N VAL B 1 -8.39 -21.70 7.21
CA VAL B 1 -8.24 -21.41 5.79
C VAL B 1 -7.81 -19.96 5.63
N LYS B 2 -6.88 -19.74 4.71
CA LYS B 2 -6.23 -18.44 4.54
C LYS B 2 -7.18 -17.48 3.82
N LEU B 3 -7.66 -16.47 4.56
CA LEU B 3 -8.40 -15.40 3.91
C LEU B 3 -7.45 -14.57 3.04
N HIS B 4 -8.03 -13.92 2.02
CA HIS B 4 -7.27 -13.03 1.12
C HIS B 4 -6.03 -13.75 0.58
N TYR B 5 -6.24 -15.00 0.17
CA TYR B 5 -5.18 -15.84 -0.37
C TYR B 5 -4.76 -15.37 -1.75
N THR B 6 -5.68 -14.79 -2.52
CA THR B 6 -5.42 -14.30 -3.86
C THR B 6 -4.56 -13.05 -3.81
#